data_7XHT
#
_entry.id   7XHT
#
loop_
_entity.id
_entity.type
_entity.pdbx_description
1 polymer 'RNA (228-MER)'
2 polymer 'DNA (49-MER)'
3 polymer "DNA (5'-D(P*GP*AP*AP*GP*AP*AP*AP*AP*CP*CP*AP*T)-3')"
4 polymer OgeuIscB
5 non-polymer 'MAGNESIUM ION'
6 non-polymer 'LAURYL DIMETHYLAMINE-N-OXIDE'
#
loop_
_entity_poly.entity_id
_entity_poly.type
_entity_poly.pdbx_seq_one_letter_code
_entity_poly.pdbx_strand_id
1 'polyribonucleotide'
;UGUGAGCGGAUAACAAUUCCCCGGCUCUUCCAACUUUAUGGUUGCGACCGUAGGUUGAAAGAGCACAGGCUGAGACAUUC
GUAAGGCCGAAAGACCGGACGCACCCUGGGAUUUCCCCAGUCCCCGGAACUGCAUAGCGGAUGCCAGUUGAUGGAGCAAU
CUAUCAGAUAAGCCAGGGGGAACAAUCACCUCUCUGUAUCAGAGAGAGUUUUACAAAAGGAGGAACGG
;
B
2 'polydeoxyribonucleotide'
;(DG)(DA)(DA)(DT)(DG)(DG)(DT)(DT)(DT)(DT)(DC)(DT)(DT)(DC)(DG)(DG)(DG)(DG)(DA)(DA)
(DT)(DT)(DG)(DT)(DT)(DA)(DT)(DC)(DC)(DG)(DC)(DT)(DC)(DA)(DC)(DA)(DA)(DT)(DT)(DC)
(DC)(DT)(DT)(DA)(DG)(DA)(DA)(DA)(DA)
;
C
3 'polydeoxyribonucleotide' (DG)(DA)(DA)(DG)(DA)(DA)(DA)(DA)(DC)(DC)(DA)(DT)(DT)(DC) D
4 'polypeptide(L)'
;MMAVVYVISKSGKPLMPTTRCGHVRILLKEGKARVVERKPFTIQLTYESAEETQPLVLGIDPGRTNIGMSVVTESGESVF
NAQIETRNKDVPKLMKDRKQYRMAHRRLKRRCKRRRRAKAAGTAFEEGEKQRLLPGCFKPITCKSIRNKEARFNNRKRPV
GWLTPTANHLLVTHLNVVKKVQKILPVAKVVLELNRFSFMAMNNPKVQRWQYQRGPLYGKGSVEEAVSMQQDGHCLFCKH
GIDHYHHVVPRRKNGSETLENRVGLCEEHHRLVHTDKEWEANLASKKSGMNKKYHALSVLNQIIPYLADQLADMFPGNFC
VTSGQDTYLFREEHGIPKDHYLDAYCIACSALTDAKKVSSPKGRPYMVHQFRRHDRQACHKANLNRSYYMGGKLVATNRH
KAMDQKTDSLEEYRAAHSAADVSKLTVKHPSAQYKDMSRIMPGSILVSGEGKLFTLSRSEGRNKGQVNYFVSTEGIKYWA
RKCQYLRNNGGLQIYV
;
A
#
loop_
_chem_comp.id
_chem_comp.type
_chem_comp.name
_chem_comp.formula
A RNA linking ADENOSINE-5'-MONOPHOSPHATE 'C10 H14 N5 O7 P'
C RNA linking CYTIDINE-5'-MONOPHOSPHATE 'C9 H14 N3 O8 P'
DA DNA linking 2'-DEOXYADENOSINE-5'-MONOPHOSPHATE 'C10 H14 N5 O6 P'
DC DNA linking 2'-DEOXYCYTIDINE-5'-MONOPHOSPHATE 'C9 H14 N3 O7 P'
DG DNA linking 2'-DEOXYGUANOSINE-5'-MONOPHOSPHATE 'C10 H14 N5 O7 P'
DT DNA linking THYMIDINE-5'-MONOPHOSPHATE 'C10 H15 N2 O8 P'
G RNA linking GUANOSINE-5'-MONOPHOSPHATE 'C10 H14 N5 O8 P'
LDA non-polymer 'LAURYL DIMETHYLAMINE-N-OXIDE' 'C14 H31 N O'
MG non-polymer 'MAGNESIUM ION' 'Mg 2'
U RNA linking URIDINE-5'-MONOPHOSPHATE 'C9 H13 N2 O9 P'
#
# COMPACT_ATOMS: atom_id res chain seq x y z
N ALA D 3 10.82 -8.76 25.96
CA ALA D 3 11.34 -8.26 27.22
C ALA D 3 10.57 -7.02 27.68
N VAL D 4 9.81 -6.43 26.77
CA VAL D 4 8.99 -5.26 27.06
C VAL D 4 7.54 -5.61 26.74
N VAL D 5 6.67 -5.44 27.73
CA VAL D 5 5.24 -5.65 27.56
C VAL D 5 4.54 -4.29 27.62
N TYR D 6 3.57 -4.09 26.73
CA TYR D 6 2.83 -2.84 26.66
C TYR D 6 1.53 -3.00 27.44
N VAL D 7 1.19 -1.97 28.21
CA VAL D 7 0.07 -2.02 29.14
C VAL D 7 -0.95 -0.96 28.76
N ILE D 8 -2.21 -1.36 28.78
CA ILE D 8 -3.34 -0.46 28.57
C ILE D 8 -4.22 -0.52 29.80
N SER D 9 -4.70 0.64 30.24
CA SER D 9 -5.52 0.71 31.44
C SER D 9 -6.92 0.17 31.17
N LYS D 10 -7.70 0.03 32.24
CA LYS D 10 -9.08 -0.42 32.11
C LYS D 10 -9.89 0.55 31.26
N SER D 11 -9.68 1.85 31.45
CA SER D 11 -10.37 2.86 30.65
C SER D 11 -9.94 2.84 29.19
N GLY D 12 -8.85 2.15 28.87
CA GLY D 12 -8.33 2.12 27.52
C GLY D 12 -7.21 3.10 27.24
N LYS D 13 -6.78 3.86 28.23
CA LYS D 13 -5.70 4.83 28.04
C LYS D 13 -4.36 4.11 28.10
N PRO D 14 -3.46 4.37 27.15
CA PRO D 14 -2.13 3.73 27.18
C PRO D 14 -1.39 4.07 28.47
N LEU D 15 -0.67 3.09 29.00
CA LEU D 15 0.14 3.25 30.20
C LEU D 15 1.60 2.97 29.84
N MET D 16 2.46 3.08 30.85
CA MET D 16 3.88 2.88 30.61
C MET D 16 4.19 1.40 30.41
N PRO D 17 5.18 1.07 29.58
CA PRO D 17 5.57 -0.33 29.39
C PRO D 17 6.18 -0.91 30.65
N THR D 18 6.00 -2.22 30.82
CA THR D 18 6.59 -2.96 31.92
C THR D 18 7.66 -3.90 31.41
N THR D 19 8.55 -4.30 32.32
CA THR D 19 9.59 -5.27 32.03
C THR D 19 9.43 -6.51 32.90
N ARG D 20 8.57 -6.45 33.92
CA ARG D 20 8.36 -7.56 34.84
C ARG D 20 7.45 -8.59 34.19
N CYS D 21 8.07 -9.54 33.49
CA CYS D 21 7.32 -10.52 32.72
C CYS D 21 6.63 -11.56 33.62
N GLY D 22 7.25 -11.91 34.74
CA GLY D 22 6.61 -12.81 35.68
C GLY D 22 5.33 -12.21 36.26
N HIS D 23 5.37 -10.92 36.59
CA HIS D 23 4.17 -10.24 37.04
C HIS D 23 3.09 -10.23 35.96
N VAL D 24 3.49 -10.07 34.69
CA VAL D 24 2.54 -10.12 33.59
C VAL D 24 1.88 -11.49 33.51
N ARG D 25 2.69 -12.56 33.61
CA ARG D 25 2.14 -13.91 33.57
C ARG D 25 1.17 -14.14 34.72
N ILE D 26 1.53 -13.69 35.91
CA ILE D 26 0.63 -13.84 37.07
C ILE D 26 -0.65 -13.06 36.85
N LEU D 27 -0.54 -11.83 36.34
CA LEU D 27 -1.72 -10.99 36.11
C LEU D 27 -2.66 -11.65 35.11
N LEU D 28 -2.12 -12.23 34.05
CA LEU D 28 -2.98 -12.92 33.09
C LEU D 28 -3.55 -14.21 33.66
N LYS D 29 -2.80 -14.89 34.53
CA LYS D 29 -3.26 -16.14 35.12
C LYS D 29 -4.48 -15.91 36.01
N GLU D 30 -4.50 -14.81 36.76
CA GLU D 30 -5.56 -14.52 37.71
C GLU D 30 -6.70 -13.71 37.09
N GLY D 31 -6.65 -13.43 35.79
CA GLY D 31 -7.72 -12.70 35.14
C GLY D 31 -7.71 -11.21 35.34
N LYS D 32 -6.64 -10.66 35.91
CA LYS D 32 -6.54 -9.21 36.08
C LYS D 32 -6.08 -8.51 34.81
N ALA D 33 -5.73 -9.25 33.76
CA ALA D 33 -5.35 -8.67 32.49
C ALA D 33 -5.71 -9.63 31.37
N ARG D 34 -5.82 -9.10 30.16
CA ARG D 34 -6.10 -9.90 28.98
C ARG D 34 -5.15 -9.50 27.86
N VAL D 35 -4.70 -10.48 27.09
CA VAL D 35 -3.77 -10.25 25.98
C VAL D 35 -4.56 -9.60 24.86
N VAL D 36 -4.44 -8.28 24.74
CA VAL D 36 -5.15 -7.55 23.69
C VAL D 36 -4.55 -7.86 22.33
N GLU D 37 -3.22 -7.85 22.22
CA GLU D 37 -2.56 -8.04 20.95
C GLU D 37 -1.38 -8.98 21.11
N ARG D 38 -1.12 -9.78 20.07
CA ARG D 38 -0.02 -10.73 20.10
C ARG D 38 1.33 -10.03 19.91
N LYS D 39 1.43 -9.20 18.87
CA LYS D 39 2.68 -8.54 18.53
C LYS D 39 2.36 -7.12 18.08
N PRO D 40 2.85 -6.08 18.78
CA PRO D 40 3.63 -6.21 20.02
C PRO D 40 2.79 -6.70 21.19
N PHE D 41 3.38 -7.53 22.05
CA PHE D 41 2.63 -8.11 23.17
C PHE D 41 2.07 -7.02 24.07
N THR D 42 0.75 -6.93 24.11
CA THR D 42 0.05 -5.89 24.84
C THR D 42 -1.04 -6.53 25.68
N ILE D 43 -1.17 -6.06 26.92
CA ILE D 43 -2.18 -6.53 27.85
C ILE D 43 -2.98 -5.33 28.35
N GLN D 44 -4.26 -5.52 28.60
CA GLN D 44 -5.13 -4.50 29.17
C GLN D 44 -5.54 -4.89 30.57
N LEU D 45 -5.33 -3.99 31.52
CA LEU D 45 -5.67 -4.26 32.91
C LEU D 45 -7.17 -4.40 33.09
N THR D 46 -7.57 -5.33 33.94
CA THR D 46 -8.97 -5.51 34.27
C THR D 46 -9.37 -4.80 35.55
N TYR D 47 -8.45 -4.59 36.47
CA TYR D 47 -8.72 -3.83 37.68
C TYR D 47 -8.53 -2.34 37.43
N GLU D 48 -8.87 -1.55 38.44
CA GLU D 48 -8.75 -0.10 38.38
C GLU D 48 -7.55 0.35 39.20
N SER D 49 -6.70 1.18 38.60
CA SER D 49 -5.50 1.66 39.27
C SER D 49 -5.21 3.07 38.78
N ALA D 50 -4.16 3.67 39.33
CA ALA D 50 -3.74 5.00 38.91
C ALA D 50 -3.25 4.96 37.46
N GLU D 51 -3.57 6.01 36.71
CA GLU D 51 -3.09 6.17 35.34
C GLU D 51 -2.03 7.27 35.35
N GLU D 52 -0.80 6.89 35.68
CA GLU D 52 0.31 7.83 35.79
C GLU D 52 1.40 7.43 34.79
N THR D 53 1.79 8.37 33.94
CA THR D 53 2.72 8.10 32.85
C THR D 53 3.79 9.17 32.80
N GLN D 54 5.03 8.75 32.63
CA GLN D 54 6.14 9.66 32.40
C GLN D 54 6.22 10.02 30.92
N PRO D 55 6.80 11.18 30.59
CA PRO D 55 6.85 11.58 29.18
C PRO D 55 7.68 10.63 28.33
N LEU D 56 7.21 10.41 27.10
CA LEU D 56 7.90 9.57 26.12
C LEU D 56 8.01 10.35 24.82
N VAL D 57 9.16 10.24 24.16
CA VAL D 57 9.46 10.98 22.94
C VAL D 57 9.42 10.02 21.76
N LEU D 58 8.67 10.40 20.73
CA LEU D 58 8.58 9.63 19.50
C LEU D 58 9.40 10.30 18.41
N GLY D 59 10.28 9.55 17.78
CA GLY D 59 11.07 10.03 16.67
C GLY D 59 10.72 9.31 15.39
N ILE D 60 10.51 10.08 14.33
CA ILE D 60 10.07 9.58 13.04
C ILE D 60 11.17 9.83 12.02
N ASP D 61 11.66 8.74 11.42
CA ASP D 61 12.53 8.82 10.27
C ASP D 61 11.67 8.61 9.02
N PRO D 62 11.40 9.65 8.23
CA PRO D 62 10.42 9.52 7.15
C PRO D 62 11.02 9.02 5.84
N GLY D 63 10.29 8.16 5.16
CA GLY D 63 10.71 7.67 3.86
C GLY D 63 9.50 7.25 3.06
N ARG D 64 9.70 7.13 1.74
CA ARG D 64 8.61 6.68 0.89
C ARG D 64 8.36 5.19 1.05
N THR D 65 9.42 4.39 1.11
CA THR D 65 9.30 2.94 1.20
C THR D 65 9.40 2.45 2.64
N ASN D 66 10.36 2.95 3.40
CA ASN D 66 10.58 2.53 4.78
C ASN D 66 10.47 3.74 5.69
N ILE D 67 9.61 3.63 6.70
CA ILE D 67 9.48 4.64 7.75
C ILE D 67 9.97 4.04 9.05
N GLY D 68 10.84 4.74 9.74
CA GLY D 68 11.34 4.31 11.04
C GLY D 68 10.64 5.07 12.14
N MET D 69 10.33 4.37 13.23
CA MET D 69 9.74 5.04 14.39
C MET D 69 10.33 4.47 15.66
N SER D 70 10.74 5.35 16.57
CA SER D 70 11.33 4.93 17.83
C SER D 70 10.80 5.76 18.97
N VAL D 71 10.37 5.10 20.04
CA VAL D 71 9.89 5.76 21.25
C VAL D 71 10.95 5.58 22.32
N VAL D 72 11.37 6.67 22.95
CA VAL D 72 12.38 6.65 24.00
C VAL D 72 11.83 7.34 25.23
N THR D 73 12.46 7.06 26.37
CA THR D 73 12.14 7.75 27.62
C THR D 73 12.97 9.04 27.72
N GLU D 74 12.70 9.80 28.78
CA GLU D 74 13.43 11.04 29.00
C GLU D 74 14.91 10.80 29.29
N SER D 75 15.27 9.61 29.76
CA SER D 75 16.66 9.26 30.01
C SER D 75 17.36 8.69 28.78
N GLY D 76 16.62 8.37 27.72
CA GLY D 76 17.19 7.79 26.53
C GLY D 76 16.94 6.30 26.35
N GLU D 77 16.25 5.66 27.29
CA GLU D 77 15.92 4.25 27.13
C GLU D 77 14.88 4.06 26.03
N SER D 78 15.09 3.04 25.20
CA SER D 78 14.21 2.75 24.08
C SER D 78 13.17 1.74 24.50
N VAL D 79 11.90 2.04 24.21
CA VAL D 79 10.80 1.17 24.59
C VAL D 79 10.03 0.64 23.38
N PHE D 80 10.30 1.11 22.18
CA PHE D 80 9.60 0.65 20.99
C PHE D 80 10.38 1.09 19.76
N ASN D 81 10.66 0.15 18.87
CA ASN D 81 11.26 0.44 17.57
C ASN D 81 10.46 -0.31 16.49
N ALA D 82 10.09 0.40 15.43
CA ALA D 82 9.31 -0.19 14.36
C ALA D 82 9.80 0.29 13.01
N GLN D 83 9.81 -0.63 12.05
CA GLN D 83 10.06 -0.32 10.64
C GLN D 83 8.79 -0.62 9.87
N ILE D 84 8.31 0.37 9.12
CA ILE D 84 7.07 0.28 8.37
C ILE D 84 7.41 0.28 6.89
N GLU D 85 7.00 -0.78 6.21
CA GLU D 85 7.19 -0.91 4.77
C GLU D 85 5.88 -0.54 4.08
N THR D 86 5.91 0.50 3.24
CA THR D 86 4.71 1.07 2.66
C THR D 86 4.47 0.54 1.26
N ARG D 87 3.25 0.75 0.77
CA ARG D 87 2.86 0.38 -0.58
C ARG D 87 2.68 1.60 -1.48
N ASN D 88 3.47 2.65 -1.25
CA ASN D 88 3.32 3.90 -2.01
C ASN D 88 3.67 3.70 -3.48
N LYS D 89 4.66 2.87 -3.77
CA LYS D 89 5.10 2.69 -5.16
C LYS D 89 4.01 2.03 -6.00
N ASP D 90 3.12 1.27 -5.37
CA ASP D 90 2.04 0.62 -6.10
C ASP D 90 1.03 1.62 -6.63
N VAL D 91 0.83 2.73 -5.92
CA VAL D 91 -0.28 3.63 -6.23
C VAL D 91 -0.18 4.24 -7.63
N PRO D 92 0.96 4.80 -8.07
CA PRO D 92 0.97 5.41 -9.42
C PRO D 92 0.65 4.44 -10.53
N LYS D 93 1.12 3.20 -10.45
CA LYS D 93 0.85 2.22 -11.50
C LYS D 93 -0.63 1.83 -11.52
N LEU D 94 -1.22 1.64 -10.35
CA LEU D 94 -2.66 1.35 -10.28
C LEU D 94 -3.47 2.49 -10.85
N MET D 95 -3.08 3.73 -10.54
CA MET D 95 -3.80 4.89 -11.05
C MET D 95 -3.66 5.02 -12.56
N LYS D 96 -2.47 4.73 -13.10
CA LYS D 96 -2.27 4.78 -14.55
C LYS D 96 -3.08 3.70 -15.26
N ASP D 97 -3.12 2.49 -14.69
CA ASP D 97 -3.96 1.43 -15.24
C ASP D 97 -5.43 1.84 -15.21
N ARG D 98 -5.87 2.47 -14.12
CA ARG D 98 -7.24 2.93 -14.00
C ARG D 98 -7.56 3.99 -15.07
N LYS D 99 -6.63 4.90 -15.31
CA LYS D 99 -6.83 5.91 -16.36
C LYS D 99 -6.97 5.26 -17.72
N GLN D 100 -6.13 4.27 -18.01
CA GLN D 100 -6.22 3.55 -19.29
C GLN D 100 -7.55 2.82 -19.43
N TYR D 101 -7.99 2.15 -18.36
CA TYR D 101 -9.27 1.44 -18.40
C TYR D 101 -10.43 2.40 -18.61
N ARG D 102 -10.39 3.55 -17.94
CA ARG D 102 -11.44 4.55 -18.11
C ARG D 102 -11.49 5.07 -19.54
N MET D 103 -10.31 5.34 -20.13
CA MET D 103 -10.28 5.80 -21.52
C MET D 103 -10.83 4.75 -22.46
N ALA D 104 -10.50 3.47 -22.22
CA ALA D 104 -11.05 2.40 -23.04
C ALA D 104 -12.57 2.31 -22.89
N HIS D 105 -13.07 2.45 -21.66
CA HIS D 105 -14.51 2.45 -21.43
C HIS D 105 -15.18 3.57 -22.21
N ARG D 106 -14.60 4.77 -22.18
CA ARG D 106 -15.23 5.92 -22.81
C ARG D 106 -15.07 5.95 -24.31
N ARG D 107 -14.10 5.21 -24.87
CA ARG D 107 -13.99 5.13 -26.31
C ARG D 107 -14.81 3.97 -26.89
N LEU D 108 -14.65 2.77 -26.35
CA LEU D 108 -15.28 1.59 -26.95
C LEU D 108 -16.79 1.55 -26.69
N LYS D 109 -17.22 1.95 -25.50
CA LYS D 109 -18.63 1.84 -25.15
C LYS D 109 -19.43 3.09 -25.48
N ARG D 110 -18.79 4.24 -25.60
CA ARG D 110 -19.49 5.50 -25.81
C ARG D 110 -19.21 6.10 -27.18
N ARG D 111 -17.95 6.38 -27.50
CA ARG D 111 -17.61 7.15 -28.70
C ARG D 111 -17.87 6.33 -29.96
N CYS D 112 -17.41 5.07 -29.98
CA CYS D 112 -17.56 4.25 -31.17
C CYS D 112 -19.01 3.86 -31.42
N LYS D 113 -19.77 3.58 -30.36
CA LYS D 113 -21.18 3.30 -30.53
C LYS D 113 -21.94 4.51 -31.04
N ARG D 114 -21.60 5.71 -30.54
CA ARG D 114 -22.22 6.93 -31.06
C ARG D 114 -21.90 7.14 -32.53
N ARG D 115 -20.65 6.86 -32.92
CA ARG D 115 -20.29 6.98 -34.33
C ARG D 115 -21.02 5.96 -35.20
N ARG D 116 -21.19 4.73 -34.69
CA ARG D 116 -21.97 3.73 -35.42
C ARG D 116 -23.41 4.17 -35.59
N ARG D 117 -24.01 4.71 -34.54
CA ARG D 117 -25.39 5.19 -34.64
C ARG D 117 -25.51 6.35 -35.61
N ALA D 118 -24.53 7.26 -35.61
CA ALA D 118 -24.55 8.37 -36.55
C ALA D 118 -24.44 7.89 -37.99
N LYS D 119 -23.53 6.93 -38.26
CA LYS D 119 -23.41 6.39 -39.60
C LYS D 119 -24.68 5.68 -40.05
N ALA D 120 -25.28 4.89 -39.15
CA ALA D 120 -26.49 4.16 -39.51
C ALA D 120 -27.69 5.09 -39.73
N ALA D 121 -27.79 6.16 -38.95
CA ALA D 121 -28.94 7.05 -39.00
C ALA D 121 -28.80 8.17 -40.02
N GLY D 122 -27.64 8.33 -40.63
CA GLY D 122 -27.45 9.43 -41.56
C GLY D 122 -27.27 10.78 -40.90
N THR D 123 -26.88 10.81 -39.62
CA THR D 123 -26.65 12.06 -38.89
C THR D 123 -25.16 12.35 -38.73
N ALA D 124 -24.36 12.03 -39.73
CA ALA D 124 -22.92 12.21 -39.69
C ALA D 124 -22.51 13.36 -40.62
N PHE D 125 -21.23 13.71 -40.55
CA PHE D 125 -20.69 14.73 -41.44
C PHE D 125 -20.80 14.28 -42.90
N GLU D 126 -21.13 15.22 -43.78
CA GLU D 126 -21.13 14.92 -45.20
C GLU D 126 -19.72 14.55 -45.68
N GLU D 127 -18.71 15.24 -45.18
CA GLU D 127 -17.33 14.93 -45.52
C GLU D 127 -16.79 13.75 -44.72
N GLY D 128 -17.53 13.26 -43.73
CA GLY D 128 -17.13 12.12 -42.94
C GLY D 128 -16.27 12.45 -41.74
N GLU D 129 -15.43 13.49 -41.83
CA GLU D 129 -14.60 13.90 -40.71
C GLU D 129 -14.52 15.42 -40.70
N LYS D 130 -14.24 15.97 -39.53
CA LYS D 130 -14.13 17.41 -39.33
C LYS D 130 -12.90 17.72 -38.49
N GLN D 131 -12.25 18.83 -38.80
CA GLN D 131 -11.14 19.32 -38.00
C GLN D 131 -11.64 20.44 -37.09
N ARG D 132 -11.53 20.24 -35.79
CA ARG D 132 -12.00 21.21 -34.81
C ARG D 132 -10.81 21.81 -34.08
N LEU D 133 -10.76 23.14 -34.07
CA LEU D 133 -9.77 23.88 -33.31
C LEU D 133 -10.45 24.41 -32.05
N LEU D 134 -10.15 23.80 -30.91
CA LEU D 134 -10.80 24.11 -29.66
C LEU D 134 -10.05 25.21 -28.91
N PRO D 135 -10.74 25.96 -28.05
CA PRO D 135 -10.07 27.04 -27.31
C PRO D 135 -8.91 26.52 -26.48
N GLY D 136 -7.82 27.29 -26.47
CA GLY D 136 -6.61 26.90 -25.80
C GLY D 136 -5.69 26.02 -26.59
N CYS D 137 -6.04 25.71 -27.84
CA CYS D 137 -5.26 24.84 -28.70
C CYS D 137 -4.85 25.58 -29.96
N PHE D 138 -3.66 25.27 -30.46
CA PHE D 138 -3.18 25.81 -31.72
C PHE D 138 -3.27 24.81 -32.87
N LYS D 139 -3.48 23.54 -32.58
CA LYS D 139 -3.62 22.50 -33.59
C LYS D 139 -4.97 21.80 -33.44
N PRO D 140 -5.62 21.46 -34.55
CA PRO D 140 -6.96 20.87 -34.47
C PRO D 140 -6.92 19.40 -34.07
N ILE D 141 -8.11 18.90 -33.74
CA ILE D 141 -8.34 17.47 -33.54
C ILE D 141 -9.28 17.00 -34.65
N THR D 142 -9.18 15.72 -34.97
CA THR D 142 -10.01 15.09 -36.00
C THR D 142 -11.18 14.39 -35.32
N CYS D 143 -12.39 14.82 -35.65
CA CYS D 143 -13.62 14.20 -35.16
C CYS D 143 -14.25 13.47 -36.34
N LYS D 144 -14.39 12.16 -36.22
CA LYS D 144 -14.91 11.34 -37.30
C LYS D 144 -16.41 11.17 -37.14
N SER D 145 -17.15 11.61 -38.16
CA SER D 145 -18.58 11.42 -38.35
C SER D 145 -19.45 12.24 -37.41
N ILE D 146 -18.88 12.75 -36.32
CA ILE D 146 -19.65 13.52 -35.33
C ILE D 146 -18.68 14.36 -34.52
N ARG D 147 -19.20 15.40 -33.90
CA ARG D 147 -18.41 16.25 -33.01
C ARG D 147 -17.94 15.49 -31.79
N ASN D 148 -16.83 15.95 -31.23
CA ASN D 148 -16.32 15.41 -29.99
C ASN D 148 -17.24 15.74 -28.83
N LYS D 149 -17.22 14.90 -27.80
CA LYS D 149 -17.75 15.33 -26.52
C LYS D 149 -16.90 16.47 -25.99
N GLU D 150 -17.53 17.40 -25.29
CA GLU D 150 -16.84 18.62 -24.88
C GLU D 150 -15.59 18.30 -24.06
N ALA D 151 -14.46 18.85 -24.50
CA ALA D 151 -13.18 18.65 -23.82
C ALA D 151 -13.01 19.75 -22.79
N ARG D 152 -12.78 19.37 -21.54
CA ARG D 152 -12.73 20.30 -20.41
C ARG D 152 -11.31 20.33 -19.87
N PHE D 153 -10.55 21.33 -20.31
CA PHE D 153 -9.20 21.53 -19.82
C PHE D 153 -8.83 23.00 -19.64
N ASN D 154 -9.76 23.93 -19.83
CA ASN D 154 -9.41 25.35 -19.81
C ASN D 154 -9.35 25.90 -18.39
N ASN D 155 -10.37 25.63 -17.58
CA ASN D 155 -10.49 26.23 -16.25
C ASN D 155 -10.91 25.16 -15.24
N ARG D 156 -9.94 24.44 -14.69
CA ARG D 156 -10.18 23.45 -13.65
C ARG D 156 -9.36 23.82 -12.43
N LYS D 157 -10.02 23.86 -11.26
CA LYS D 157 -9.41 24.38 -10.05
C LYS D 157 -9.34 23.30 -8.98
N ARG D 158 -8.34 23.41 -8.12
CA ARG D 158 -8.13 22.54 -6.98
C ARG D 158 -7.93 23.39 -5.73
N PRO D 159 -8.25 22.85 -4.56
CA PRO D 159 -7.99 23.59 -3.32
C PRO D 159 -6.51 23.84 -3.13
N VAL D 160 -6.19 24.94 -2.44
CA VAL D 160 -4.81 25.23 -2.11
C VAL D 160 -4.26 24.10 -1.25
N GLY D 161 -3.14 23.52 -1.69
CA GLY D 161 -2.58 22.37 -1.01
C GLY D 161 -3.01 21.03 -1.56
N TRP D 162 -3.60 21.00 -2.76
CA TRP D 162 -4.01 19.73 -3.38
C TRP D 162 -2.79 18.84 -3.62
N LEU D 163 -2.95 17.55 -3.31
CA LEU D 163 -1.90 16.57 -3.51
C LEU D 163 -2.45 15.41 -4.34
N THR D 164 -1.54 14.73 -5.05
CA THR D 164 -1.94 13.56 -5.81
C THR D 164 -2.29 12.41 -4.89
N PRO D 165 -3.03 11.41 -5.38
CA PRO D 165 -3.32 10.24 -4.55
C PRO D 165 -2.08 9.57 -3.97
N THR D 166 -0.95 9.60 -4.69
CA THR D 166 0.28 9.02 -4.15
C THR D 166 0.82 9.86 -2.98
N ALA D 167 0.84 11.18 -3.14
CA ALA D 167 1.30 12.06 -2.08
C ALA D 167 0.37 11.98 -0.87
N ASN D 168 -0.94 11.96 -1.11
CA ASN D 168 -1.88 11.80 0.00
C ASN D 168 -1.69 10.46 0.68
N HIS D 169 -1.43 9.41 -0.10
CA HIS D 169 -1.21 8.09 0.49
C HIS D 169 0.00 8.10 1.42
N LEU D 170 1.12 8.69 0.96
CA LEU D 170 2.31 8.74 1.80
C LEU D 170 2.06 9.57 3.06
N LEU D 171 1.42 10.72 2.91
CA LEU D 171 1.15 11.59 4.05
C LEU D 171 0.24 10.91 5.08
N VAL D 172 -0.84 10.30 4.60
CA VAL D 172 -1.78 9.62 5.49
C VAL D 172 -1.14 8.41 6.14
N THR D 173 -0.26 7.71 5.43
CA THR D 173 0.45 6.58 6.04
C THR D 173 1.34 7.06 7.18
N HIS D 174 2.11 8.12 6.95
CA HIS D 174 2.93 8.70 8.00
C HIS D 174 2.09 9.08 9.21
N LEU D 175 0.93 9.70 8.97
CA LEU D 175 0.06 10.09 10.09
C LEU D 175 -0.59 8.90 10.79
N ASN D 176 -0.94 7.84 10.05
CA ASN D 176 -1.62 6.69 10.62
C ASN D 176 -0.73 5.83 11.48
N VAL D 177 0.55 5.70 11.11
CA VAL D 177 1.44 4.90 11.96
C VAL D 177 1.60 5.57 13.32
N VAL D 178 1.61 6.91 13.36
CA VAL D 178 1.70 7.63 14.63
C VAL D 178 0.51 7.32 15.52
N LYS D 179 -0.69 7.31 14.94
CA LYS D 179 -1.89 7.00 15.72
C LYS D 179 -1.88 5.56 16.22
N LYS D 180 -1.45 4.61 15.38
CA LYS D 180 -1.35 3.24 15.85
C LYS D 180 -0.36 3.10 16.99
N VAL D 181 0.77 3.80 16.91
CA VAL D 181 1.72 3.79 18.03
C VAL D 181 1.10 4.44 19.27
N GLN D 182 0.36 5.54 19.10
CA GLN D 182 -0.28 6.19 20.23
C GLN D 182 -1.27 5.27 20.93
N LYS D 183 -1.83 4.29 20.19
CA LYS D 183 -2.76 3.36 20.83
C LYS D 183 -2.09 2.55 21.93
N ILE D 184 -0.81 2.20 21.78
CA ILE D 184 -0.18 1.33 22.78
C ILE D 184 0.70 2.12 23.74
N LEU D 185 1.21 3.27 23.31
CA LEU D 185 2.13 4.03 24.16
C LEU D 185 1.62 5.45 24.39
N PRO D 186 1.83 6.00 25.58
CA PRO D 186 1.48 7.40 25.86
C PRO D 186 2.54 8.38 25.35
N VAL D 187 2.45 8.68 24.05
CA VAL D 187 3.42 9.55 23.40
C VAL D 187 3.15 11.00 23.79
N ALA D 188 4.19 11.67 24.27
CA ALA D 188 4.08 13.07 24.70
C ALA D 188 4.74 14.05 23.74
N LYS D 189 5.86 13.67 23.12
CA LYS D 189 6.60 14.54 22.24
C LYS D 189 6.96 13.78 20.96
N VAL D 190 6.93 14.48 19.84
CA VAL D 190 7.24 13.90 18.53
C VAL D 190 8.35 14.72 17.87
N VAL D 191 9.34 14.02 17.34
CA VAL D 191 10.45 14.64 16.62
C VAL D 191 10.45 14.11 15.20
N LEU D 192 10.57 15.03 14.23
CA LEU D 192 10.62 14.68 12.82
C LEU D 192 11.96 15.09 12.25
N GLU D 193 12.58 14.18 11.49
CA GLU D 193 13.84 14.48 10.82
C GLU D 193 13.56 15.22 9.51
N LEU D 194 14.20 16.36 9.34
CA LEU D 194 14.11 17.15 8.11
C LEU D 194 15.46 17.09 7.40
N ASN D 195 15.43 16.71 6.12
CA ASN D 195 16.63 16.53 5.33
C ASN D 195 16.73 17.63 4.28
N ARG D 196 17.93 18.17 4.11
CA ARG D 196 18.17 19.22 3.14
C ARG D 196 18.04 18.66 1.72
N PHE D 197 17.81 19.56 0.77
CA PHE D 197 17.62 19.17 -0.62
C PHE D 197 18.93 18.61 -1.19
N SER D 198 18.77 17.60 -2.05
CA SER D 198 19.92 16.98 -2.70
C SER D 198 19.60 16.66 -4.16
N LEU D 297 11.36 10.10 -4.18
CA LEU D 297 11.92 11.18 -3.36
C LEU D 297 11.14 12.47 -3.58
N SER D 298 10.46 12.57 -4.71
CA SER D 298 9.66 13.75 -5.00
C SER D 298 8.42 13.81 -4.12
N VAL D 299 7.73 12.67 -3.95
CA VAL D 299 6.52 12.64 -3.14
C VAL D 299 6.83 12.96 -1.68
N LEU D 300 7.94 12.42 -1.17
CA LEU D 300 8.35 12.73 0.20
C LEU D 300 8.64 14.21 0.36
N ASN D 301 9.37 14.80 -0.58
CA ASN D 301 9.63 16.24 -0.55
C ASN D 301 8.33 17.03 -0.59
N GLN D 302 7.34 16.53 -1.31
CA GLN D 302 6.05 17.21 -1.39
C GLN D 302 5.32 17.17 -0.07
N ILE D 303 5.39 16.04 0.64
CA ILE D 303 4.57 15.85 1.83
C ILE D 303 5.21 16.34 3.12
N ILE D 304 6.54 16.51 3.15
CA ILE D 304 7.21 16.89 4.42
C ILE D 304 6.66 18.17 5.03
N PRO D 305 6.45 19.27 4.28
CA PRO D 305 5.79 20.42 4.92
C PRO D 305 4.42 20.10 5.49
N TYR D 306 3.63 19.30 4.77
CA TYR D 306 2.30 18.93 5.25
C TYR D 306 2.39 18.03 6.48
N LEU D 307 3.33 17.08 6.46
CA LEU D 307 3.50 16.20 7.61
C LEU D 307 3.92 16.99 8.84
N ALA D 308 4.84 17.94 8.68
CA ALA D 308 5.25 18.77 9.80
C ALA D 308 4.11 19.64 10.30
N ASP D 309 3.30 20.19 9.38
CA ASP D 309 2.18 21.03 9.80
C ASP D 309 1.14 20.24 10.59
N GLN D 310 0.77 19.05 10.11
CA GLN D 310 -0.24 18.26 10.81
C GLN D 310 0.31 17.53 12.03
N LEU D 311 1.62 17.31 12.11
CA LEU D 311 2.22 16.75 13.32
C LEU D 311 2.32 17.75 14.45
N ALA D 312 2.26 19.05 14.15
CA ALA D 312 2.23 20.09 15.18
C ALA D 312 0.84 20.35 15.71
N ASP D 313 -0.20 20.10 14.92
CA ASP D 313 -1.57 20.19 15.41
C ASP D 313 -1.96 19.01 16.27
N MET D 314 -1.27 17.88 16.15
CA MET D 314 -1.51 16.72 16.98
C MET D 314 -0.76 16.79 18.29
N PHE D 315 0.34 17.53 18.33
CA PHE D 315 1.18 17.68 19.52
C PHE D 315 1.45 19.15 19.75
N PRO D 316 0.44 19.90 20.21
CA PRO D 316 0.61 21.35 20.38
C PRO D 316 1.67 21.68 21.42
N GLY D 317 2.73 22.34 20.96
CA GLY D 317 3.84 22.67 21.82
C GLY D 317 4.82 21.55 22.08
N ASN D 318 4.59 20.37 21.51
CA ASN D 318 5.42 19.19 21.72
C ASN D 318 5.82 18.57 20.39
N PHE D 319 6.06 19.40 19.39
CA PHE D 319 6.57 18.94 18.10
C PHE D 319 7.95 19.54 17.88
N CYS D 320 8.91 18.69 17.56
CA CYS D 320 10.30 19.10 17.38
C CYS D 320 10.79 18.65 16.02
N VAL D 321 11.83 19.32 15.54
CA VAL D 321 12.42 19.07 14.23
C VAL D 321 13.92 18.87 14.39
N THR D 322 14.44 17.82 13.75
CA THR D 322 15.86 17.56 13.73
C THR D 322 16.31 17.38 12.29
N SER D 323 17.61 17.32 12.08
CA SER D 323 18.20 17.26 10.76
C SER D 323 18.97 15.96 10.57
N GLY D 324 19.12 15.55 9.33
CA GLY D 324 19.91 14.37 9.01
C GLY D 324 21.36 14.53 9.40
N GLN D 325 21.83 15.78 9.47
CA GLN D 325 23.18 16.04 9.95
C GLN D 325 23.31 15.78 11.43
N ASP D 326 22.27 16.13 12.21
CA ASP D 326 22.29 15.84 13.64
C ASP D 326 22.30 14.35 13.92
N THR D 327 21.65 13.55 13.07
CA THR D 327 21.67 12.09 13.24
C THR D 327 23.07 11.53 13.05
N TYR D 328 23.82 12.03 12.08
CA TYR D 328 25.20 11.61 11.89
C TYR D 328 26.06 11.96 13.11
N LEU D 329 25.90 13.18 13.62
CA LEU D 329 26.67 13.59 14.80
C LEU D 329 26.32 12.74 16.01
N PHE D 330 25.03 12.44 16.19
CA PHE D 330 24.61 11.58 17.30
C PHE D 330 25.20 10.19 17.18
N ARG D 331 25.19 9.63 15.96
CA ARG D 331 25.75 8.29 15.75
C ARG D 331 27.25 8.28 16.05
N GLU D 332 27.97 9.30 15.58
CA GLU D 332 29.40 9.36 15.85
C GLU D 332 29.70 9.53 17.33
N GLU D 333 28.94 10.39 18.01
CA GLU D 333 29.21 10.66 19.42
C GLU D 333 28.90 9.46 20.30
N HIS D 334 27.71 8.87 20.13
CA HIS D 334 27.25 7.82 21.04
C HIS D 334 27.57 6.41 20.55
N GLY D 335 28.09 6.26 19.33
CA GLY D 335 28.56 4.97 18.85
C GLY D 335 27.49 4.01 18.37
N ILE D 336 26.29 4.50 18.05
CA ILE D 336 25.21 3.65 17.54
C ILE D 336 25.68 2.93 16.28
N PRO D 337 25.43 1.63 16.16
CA PRO D 337 25.82 0.93 14.92
C PRO D 337 25.12 1.51 13.71
N LYS D 338 25.81 1.50 12.59
CA LYS D 338 25.26 2.02 11.34
C LYS D 338 24.18 1.08 10.82
N ASP D 339 22.92 1.46 11.00
CA ASP D 339 21.77 0.71 10.55
C ASP D 339 20.61 1.68 10.36
N HIS D 340 19.82 1.46 9.31
CA HIS D 340 18.72 2.38 9.02
C HIS D 340 17.70 2.39 10.15
N TYR D 341 17.35 1.22 10.67
CA TYR D 341 16.31 1.13 11.69
C TYR D 341 16.69 1.80 12.99
N LEU D 342 17.96 2.13 13.19
CA LEU D 342 18.41 2.84 14.38
C LEU D 342 18.33 4.35 14.22
N ASP D 343 18.13 4.85 13.00
CA ASP D 343 18.11 6.29 12.78
C ASP D 343 17.01 6.97 13.59
N ALA D 344 15.81 6.39 13.61
CA ALA D 344 14.73 6.95 14.41
C ALA D 344 15.13 7.03 15.88
N TYR D 345 15.93 6.09 16.37
CA TYR D 345 16.41 6.18 17.75
C TYR D 345 17.21 7.46 17.97
N CYS D 346 18.08 7.80 17.01
CA CYS D 346 18.84 9.04 17.11
C CYS D 346 17.96 10.27 16.97
N ILE D 347 16.76 10.12 16.41
CA ILE D 347 15.88 11.26 16.21
C ILE D 347 15.15 11.60 17.51
N ALA D 348 14.52 10.61 18.13
CA ALA D 348 13.85 10.84 19.40
C ALA D 348 14.82 11.33 20.47
N CYS D 349 16.00 10.71 20.52
CA CYS D 349 17.02 11.12 21.48
C CYS D 349 17.53 12.53 21.21
N SER D 350 17.23 13.09 20.03
CA SER D 350 17.53 14.50 19.77
C SER D 350 16.75 15.45 20.66
N ALA D 351 15.60 15.01 21.19
CA ALA D 351 14.78 15.90 21.99
C ALA D 351 15.18 15.92 23.45
N LEU D 352 16.07 15.03 23.89
CA LEU D 352 16.38 14.88 25.29
C LEU D 352 17.47 15.87 25.71
N THR D 353 17.19 16.65 26.74
CA THR D 353 18.14 17.68 27.17
C THR D 353 19.32 17.08 27.92
N ASP D 354 19.08 16.11 28.79
CA ASP D 354 20.12 15.51 29.62
C ASP D 354 20.08 13.99 29.44
N ALA D 355 20.80 13.52 28.43
CA ALA D 355 20.81 12.09 28.14
C ALA D 355 21.84 11.38 29.01
N LYS D 356 21.37 10.44 29.81
CA LYS D 356 22.24 9.66 30.69
C LYS D 356 22.26 8.18 30.34
N LYS D 357 21.11 7.55 30.17
CA LYS D 357 21.02 6.15 29.79
C LYS D 357 20.72 6.09 28.29
N VAL D 358 21.76 6.23 27.49
CA VAL D 358 21.65 6.15 26.03
C VAL D 358 22.44 4.96 25.55
N SER D 359 21.76 4.04 24.87
CA SER D 359 22.39 2.88 24.27
C SER D 359 21.56 2.45 23.08
N SER D 360 22.22 1.91 22.07
CA SER D 360 21.52 1.45 20.88
C SER D 360 20.54 0.35 21.27
N PRO D 361 19.30 0.38 20.79
CA PRO D 361 18.34 -0.68 21.15
C PRO D 361 18.86 -2.04 20.75
N LYS D 362 18.69 -3.01 21.64
CA LYS D 362 19.12 -4.38 21.41
C LYS D 362 17.90 -5.22 21.03
N GLY D 363 18.03 -5.96 19.93
CA GLY D 363 16.93 -6.74 19.40
C GLY D 363 16.51 -6.24 18.02
N ARG D 364 15.57 -6.98 17.45
CA ARG D 364 15.10 -6.63 16.12
C ARG D 364 13.85 -5.74 16.22
N PRO D 365 13.74 -4.73 15.37
CA PRO D 365 12.55 -3.87 15.41
C PRO D 365 11.32 -4.60 14.89
N TYR D 366 10.16 -4.09 15.29
CA TYR D 366 8.91 -4.59 14.73
C TYR D 366 8.81 -4.23 13.25
N MET D 367 8.28 -5.17 12.47
CA MET D 367 8.16 -4.98 11.03
C MET D 367 6.68 -4.86 10.67
N VAL D 368 6.33 -3.75 10.02
CA VAL D 368 4.95 -3.45 9.66
C VAL D 368 4.83 -3.44 8.15
N HIS D 369 3.80 -4.10 7.64
CA HIS D 369 3.51 -4.16 6.22
C HIS D 369 2.16 -3.51 5.95
N GLN D 370 2.03 -2.91 4.78
CA GLN D 370 0.82 -2.18 4.39
C GLN D 370 0.08 -2.95 3.31
N PHE D 371 -1.21 -3.17 3.53
CA PHE D 371 -2.08 -3.84 2.57
C PHE D 371 -3.20 -2.90 2.16
N ARG D 372 -3.57 -2.95 0.88
CA ARG D 372 -4.64 -2.11 0.37
C ARG D 372 -5.96 -2.48 1.04
N ARG D 373 -6.81 -1.47 1.23
CA ARG D 373 -8.10 -1.68 1.85
C ARG D 373 -9.17 -2.09 0.86
N HIS D 374 -9.05 -1.69 -0.40
CA HIS D 374 -10.02 -2.03 -1.42
C HIS D 374 -9.33 -2.57 -2.66
N ASP D 375 -9.98 -3.52 -3.33
CA ASP D 375 -9.66 -3.93 -4.69
C ASP D 375 -10.99 -3.94 -5.42
N ARG D 376 -11.23 -2.91 -6.23
CA ARG D 376 -12.51 -2.71 -6.90
C ARG D 376 -12.51 -3.28 -8.32
N GLN D 377 -11.49 -4.05 -8.67
CA GLN D 377 -11.36 -4.60 -10.01
C GLN D 377 -12.07 -5.95 -10.09
N ALA D 378 -13.09 -6.02 -10.96
CA ALA D 378 -13.82 -7.27 -11.17
C ALA D 378 -13.04 -8.27 -12.01
N CYS D 379 -12.39 -7.79 -13.07
CA CYS D 379 -11.76 -8.68 -14.03
C CYS D 379 -10.34 -9.05 -13.59
N HIS D 380 -10.01 -10.33 -13.76
CA HIS D 380 -8.67 -10.84 -13.49
C HIS D 380 -7.82 -10.92 -14.76
N LYS D 381 -8.39 -11.46 -15.84
CA LYS D 381 -7.68 -11.59 -17.10
C LYS D 381 -8.68 -11.39 -18.24
N ALA D 382 -8.45 -10.37 -19.06
CA ALA D 382 -9.18 -10.19 -20.31
C ALA D 382 -8.36 -10.88 -21.39
N ASN D 383 -8.62 -12.17 -21.59
CA ASN D 383 -7.80 -12.97 -22.50
C ASN D 383 -8.14 -12.58 -23.94
N LEU D 384 -7.32 -11.70 -24.51
CA LEU D 384 -7.61 -11.07 -25.80
C LEU D 384 -6.74 -11.62 -26.92
N ASN D 385 -6.14 -12.79 -26.74
CA ASN D 385 -5.24 -13.38 -27.72
C ASN D 385 -5.94 -14.57 -28.39
N ARG D 386 -6.08 -14.50 -29.70
CA ARG D 386 -6.73 -15.55 -30.48
C ARG D 386 -5.65 -16.49 -31.02
N SER D 387 -5.32 -17.51 -30.23
CA SER D 387 -4.17 -18.35 -30.54
C SER D 387 -4.53 -19.42 -31.56
N TYR D 388 -3.62 -19.63 -32.51
CA TYR D 388 -3.76 -20.64 -33.55
C TYR D 388 -2.75 -21.76 -33.29
N TYR D 389 -3.23 -23.00 -33.37
CA TYR D 389 -2.42 -24.17 -33.09
C TYR D 389 -2.43 -25.10 -34.30
N MET D 390 -1.26 -25.61 -34.64
CA MET D 390 -1.08 -26.60 -35.71
C MET D 390 -0.57 -27.88 -35.06
N GLY D 391 -1.48 -28.81 -34.81
CA GLY D 391 -1.12 -30.06 -34.16
C GLY D 391 -0.62 -29.91 -32.74
N GLY D 392 -1.25 -29.05 -31.95
CA GLY D 392 -0.87 -28.84 -30.57
C GLY D 392 0.24 -27.82 -30.36
N LYS D 393 0.86 -27.33 -31.43
CA LYS D 393 1.90 -26.33 -31.34
C LYS D 393 1.34 -24.98 -31.77
N LEU D 394 1.58 -23.95 -30.96
CA LEU D 394 1.13 -22.61 -31.31
C LEU D 394 1.94 -22.07 -32.49
N VAL D 395 1.23 -21.52 -33.47
CA VAL D 395 1.88 -20.99 -34.66
C VAL D 395 1.56 -19.52 -34.92
N ALA D 396 0.49 -18.97 -34.36
CA ALA D 396 0.12 -17.58 -34.60
C ALA D 396 -0.67 -17.08 -33.40
N THR D 397 -0.59 -15.78 -33.17
CA THR D 397 -1.24 -15.18 -32.01
C THR D 397 -2.53 -14.45 -32.33
N ASN D 398 -2.64 -13.85 -33.50
CA ASN D 398 -3.83 -13.11 -33.88
C ASN D 398 -3.97 -13.15 -35.40
N ARG D 399 -5.09 -12.64 -35.91
CA ARG D 399 -5.26 -12.55 -37.36
C ARG D 399 -4.22 -11.62 -37.97
N HIS D 400 -4.00 -10.47 -37.35
CA HIS D 400 -2.90 -9.57 -37.68
C HIS D 400 -2.22 -9.17 -36.39
N LYS D 401 -1.06 -8.53 -36.51
CA LYS D 401 -0.30 -8.16 -35.33
C LYS D 401 -1.02 -7.06 -34.55
N ALA D 402 -1.11 -7.24 -33.23
CA ALA D 402 -1.57 -6.18 -32.36
C ALA D 402 -0.43 -5.18 -32.14
N MET D 403 -0.74 -4.12 -31.41
CA MET D 403 0.27 -3.12 -31.12
C MET D 403 1.41 -3.71 -30.31
N ASP D 404 2.64 -3.53 -30.80
CA ASP D 404 3.84 -4.01 -30.12
C ASP D 404 3.80 -5.53 -29.91
N GLN D 405 3.52 -6.25 -30.99
CA GLN D 405 3.49 -7.71 -30.98
C GLN D 405 4.71 -8.24 -31.71
N LYS D 406 5.54 -9.00 -30.99
CA LYS D 406 6.74 -9.59 -31.55
C LYS D 406 6.48 -10.95 -32.18
N THR D 407 5.58 -11.72 -31.58
CA THR D 407 5.23 -13.03 -32.09
C THR D 407 4.50 -12.91 -33.43
N ASP D 408 4.71 -13.90 -34.29
CA ASP D 408 4.06 -13.92 -35.59
C ASP D 408 2.54 -14.02 -35.44
N SER D 409 1.84 -13.44 -36.40
CA SER D 409 0.38 -13.50 -36.46
C SER D 409 -0.04 -14.41 -37.60
N LEU D 410 -1.36 -14.49 -37.81
CA LEU D 410 -1.90 -15.34 -38.87
C LEU D 410 -1.52 -14.82 -40.25
N GLU D 411 -1.28 -13.51 -40.38
CA GLU D 411 -0.86 -12.97 -41.66
C GLU D 411 0.50 -13.51 -42.07
N GLU D 412 1.45 -13.53 -41.13
CA GLU D 412 2.76 -14.11 -41.39
C GLU D 412 2.67 -15.60 -41.69
N TYR D 413 1.83 -16.31 -40.93
CA TYR D 413 1.65 -17.74 -41.16
C TYR D 413 1.09 -18.01 -42.55
N ARG D 414 0.11 -17.21 -42.97
CA ARG D 414 -0.46 -17.36 -44.31
C ARG D 414 0.57 -17.04 -45.39
N ALA D 415 1.39 -16.02 -45.15
CA ALA D 415 2.43 -15.68 -46.11
C ALA D 415 3.52 -16.73 -46.21
N ALA D 416 3.78 -17.49 -45.14
CA ALA D 416 4.85 -18.47 -45.12
C ALA D 416 4.38 -19.90 -45.26
N HIS D 417 3.07 -20.14 -45.44
CA HIS D 417 2.55 -21.50 -45.48
C HIS D 417 1.46 -21.60 -46.53
N SER D 418 1.13 -22.83 -46.90
CA SER D 418 0.18 -23.09 -47.96
C SER D 418 -1.26 -22.94 -47.46
N ALA D 419 -2.21 -23.17 -48.36
CA ALA D 419 -3.62 -23.10 -47.99
C ALA D 419 -4.04 -24.31 -47.18
N ALA D 420 -3.40 -25.46 -47.40
CA ALA D 420 -3.73 -26.66 -46.64
C ALA D 420 -3.29 -26.57 -45.19
N ASP D 421 -2.23 -25.81 -44.90
CA ASP D 421 -1.82 -25.60 -43.51
C ASP D 421 -2.77 -24.65 -42.79
N VAL D 422 -3.17 -23.56 -43.44
CA VAL D 422 -4.14 -22.65 -42.84
C VAL D 422 -5.49 -23.32 -42.68
N SER D 423 -5.87 -24.19 -43.61
CA SER D 423 -7.14 -24.90 -43.51
C SER D 423 -7.20 -25.88 -42.36
N LYS D 424 -6.05 -26.39 -41.92
CA LYS D 424 -5.97 -27.32 -40.79
C LYS D 424 -5.33 -26.57 -39.63
N LEU D 425 -6.15 -25.83 -38.90
CA LEU D 425 -5.67 -25.03 -37.77
C LEU D 425 -6.75 -24.99 -36.72
N THR D 426 -6.37 -25.06 -35.46
CA THR D 426 -7.33 -24.96 -34.37
C THR D 426 -7.17 -23.61 -33.67
N VAL D 427 -8.28 -23.08 -33.18
CA VAL D 427 -8.30 -21.77 -32.53
C VAL D 427 -8.61 -21.98 -31.06
N LYS D 428 -7.78 -21.40 -30.20
CA LYS D 428 -8.02 -21.35 -28.76
C LYS D 428 -8.07 -19.88 -28.35
N HIS D 429 -9.20 -19.46 -27.82
CA HIS D 429 -9.35 -18.15 -27.18
C HIS D 429 -9.97 -18.35 -25.82
N PRO D 430 -9.17 -18.45 -24.76
CA PRO D 430 -9.73 -18.60 -23.41
C PRO D 430 -10.62 -17.43 -23.05
N SER D 431 -11.67 -17.72 -22.28
CA SER D 431 -12.60 -16.68 -21.86
C SER D 431 -11.96 -15.80 -20.80
N ALA D 432 -12.58 -14.65 -20.57
CA ALA D 432 -12.10 -13.74 -19.54
C ALA D 432 -12.27 -14.35 -18.15
N GLN D 433 -11.32 -14.06 -17.26
CA GLN D 433 -11.37 -14.53 -15.89
C GLN D 433 -11.71 -13.38 -14.96
N TYR D 434 -12.41 -13.71 -13.88
CA TYR D 434 -12.88 -12.71 -12.92
C TYR D 434 -12.47 -13.12 -11.53
N LYS D 435 -12.11 -12.13 -10.71
CA LYS D 435 -11.75 -12.40 -9.33
C LYS D 435 -13.00 -12.56 -8.47
N ASP D 436 -12.81 -13.18 -7.31
CA ASP D 436 -13.82 -13.16 -6.26
C ASP D 436 -13.70 -11.81 -5.56
N MET D 437 -14.67 -10.93 -5.78
CA MET D 437 -14.62 -9.60 -5.22
C MET D 437 -14.94 -9.57 -3.73
N SER D 438 -15.43 -10.67 -3.17
CA SER D 438 -15.69 -10.82 -1.75
C SER D 438 -14.82 -11.92 -1.16
N ARG D 439 -13.57 -12.00 -1.61
CA ARG D 439 -12.62 -13.00 -1.16
C ARG D 439 -11.94 -12.55 0.12
N ILE D 440 -11.21 -13.48 0.75
CA ILE D 440 -10.36 -13.13 1.87
C ILE D 440 -9.14 -12.39 1.34
N MET D 441 -8.94 -11.17 1.81
CA MET D 441 -7.94 -10.29 1.26
C MET D 441 -6.62 -10.42 2.00
N PRO D 442 -5.50 -10.08 1.34
CA PRO D 442 -4.21 -10.08 2.04
C PRO D 442 -4.22 -9.12 3.21
N GLY D 443 -3.50 -9.50 4.27
CA GLY D 443 -3.51 -8.79 5.53
C GLY D 443 -4.41 -9.42 6.58
N SER D 444 -5.25 -10.36 6.18
CA SER D 444 -6.15 -11.04 7.10
C SER D 444 -5.40 -12.03 7.97
N ILE D 445 -5.97 -12.32 9.14
CA ILE D 445 -5.41 -13.26 10.09
C ILE D 445 -6.24 -14.54 10.02
N LEU D 446 -5.57 -15.67 9.79
CA LEU D 446 -6.21 -16.97 9.71
C LEU D 446 -5.47 -17.96 10.60
N VAL D 447 -6.16 -19.03 10.96
CA VAL D 447 -5.56 -20.15 11.67
C VAL D 447 -5.63 -21.38 10.76
N SER D 448 -4.51 -22.06 10.60
CA SER D 448 -4.42 -23.19 9.69
C SER D 448 -5.07 -24.42 10.32
N GLY D 449 -4.97 -25.56 9.63
CA GLY D 449 -5.54 -26.81 10.11
C GLY D 449 -4.76 -27.49 11.21
N GLU D 450 -3.59 -26.95 11.55
CA GLU D 450 -2.78 -27.46 12.65
C GLU D 450 -2.67 -26.48 13.80
N GLY D 451 -3.49 -25.43 13.80
CA GLY D 451 -3.47 -24.43 14.86
C GLY D 451 -2.55 -23.26 14.62
N LYS D 452 -1.78 -23.26 13.54
CA LYS D 452 -0.86 -22.16 13.27
C LYS D 452 -1.61 -20.91 12.84
N LEU D 453 -1.29 -19.79 13.47
CA LEU D 453 -1.86 -18.49 13.13
C LEU D 453 -0.91 -17.76 12.19
N PHE D 454 -1.47 -17.19 11.12
CA PHE D 454 -0.67 -16.52 10.12
C PHE D 454 -1.44 -15.35 9.53
N THR D 455 -0.69 -14.40 8.98
CA THR D 455 -1.23 -13.29 8.22
C THR D 455 -1.21 -13.63 6.75
N LEU D 456 -2.32 -13.36 6.06
CA LEU D 456 -2.44 -13.71 4.66
C LEU D 456 -1.59 -12.76 3.82
N SER D 457 -0.67 -13.32 3.04
CA SER D 457 0.08 -12.56 2.05
C SER D 457 -0.55 -12.64 0.67
N ARG D 458 -1.05 -13.81 0.28
CA ARG D 458 -1.70 -13.96 -1.01
C ARG D 458 -2.47 -15.27 -1.06
N SER D 459 -3.35 -15.39 -2.05
CA SER D 459 -4.10 -16.61 -2.32
C SER D 459 -3.62 -17.17 -3.66
N GLU D 460 -3.27 -18.45 -3.69
CA GLU D 460 -2.75 -19.09 -4.89
C GLU D 460 -3.63 -20.27 -5.26
N GLY D 461 -4.08 -20.31 -6.51
CA GLY D 461 -4.82 -21.43 -7.04
C GLY D 461 -6.29 -21.37 -6.73
N ARG D 462 -7.07 -22.10 -7.51
CA ARG D 462 -8.51 -22.20 -7.30
C ARG D 462 -9.03 -23.44 -7.99
N ASN D 463 -9.99 -24.10 -7.36
CA ASN D 463 -10.64 -25.28 -7.93
C ASN D 463 -12.04 -25.39 -7.36
N LYS D 464 -13.03 -25.56 -8.25
CA LYS D 464 -14.43 -25.75 -7.87
C LYS D 464 -14.91 -24.61 -6.97
N GLY D 465 -14.52 -23.39 -7.31
CA GLY D 465 -14.95 -22.23 -6.56
C GLY D 465 -14.29 -22.07 -5.21
N GLN D 466 -13.17 -22.72 -4.98
CA GLN D 466 -12.48 -22.68 -3.70
C GLN D 466 -11.02 -22.31 -3.89
N VAL D 467 -10.50 -21.47 -3.00
CA VAL D 467 -9.08 -21.16 -3.00
C VAL D 467 -8.29 -22.42 -2.68
N ASN D 468 -7.20 -22.64 -3.42
CA ASN D 468 -6.37 -23.81 -3.16
C ASN D 468 -5.47 -23.59 -1.95
N TYR D 469 -4.61 -22.57 -2.00
CA TYR D 469 -3.63 -22.33 -0.95
C TYR D 469 -3.66 -20.89 -0.48
N PHE D 470 -3.42 -20.72 0.81
CA PHE D 470 -3.18 -19.42 1.42
C PHE D 470 -1.70 -19.32 1.74
N VAL D 471 -1.02 -18.34 1.15
CA VAL D 471 0.40 -18.11 1.38
C VAL D 471 0.53 -16.97 2.37
N SER D 472 1.22 -17.23 3.48
CA SER D 472 1.39 -16.26 4.56
C SER D 472 2.58 -15.36 4.29
N THR D 473 2.77 -14.40 5.19
CA THR D 473 3.85 -13.42 5.12
C THR D 473 5.23 -14.03 5.36
N GLU D 474 5.31 -15.32 5.69
CA GLU D 474 6.58 -16.00 5.83
C GLU D 474 6.89 -16.95 4.68
N GLY D 475 5.99 -17.06 3.69
CA GLY D 475 6.20 -17.89 2.53
C GLY D 475 5.53 -19.26 2.59
N ILE D 476 5.11 -19.69 3.77
CA ILE D 476 4.53 -21.02 3.90
C ILE D 476 3.13 -21.06 3.32
N LYS D 477 2.82 -22.15 2.63
CA LYS D 477 1.53 -22.37 1.99
C LYS D 477 0.67 -23.29 2.84
N TYR D 478 -0.61 -22.94 2.98
CA TYR D 478 -1.53 -23.73 3.77
C TYR D 478 -2.75 -24.10 2.93
N TRP D 479 -3.24 -25.31 3.14
CA TRP D 479 -4.48 -25.76 2.52
C TRP D 479 -5.63 -24.87 2.95
N ALA D 480 -6.16 -24.06 2.03
CA ALA D 480 -7.16 -23.07 2.34
C ALA D 480 -8.48 -23.67 2.81
N ARG D 481 -8.79 -24.91 2.43
CA ARG D 481 -10.03 -25.54 2.87
C ARG D 481 -10.00 -25.93 4.35
N LYS D 482 -8.80 -26.16 4.90
CA LYS D 482 -8.65 -26.53 6.30
C LYS D 482 -8.14 -25.35 7.12
N CYS D 483 -8.38 -24.13 6.64
CA CYS D 483 -8.01 -22.91 7.33
C CYS D 483 -9.27 -22.20 7.77
N GLN D 484 -9.21 -21.55 8.94
CA GLN D 484 -10.32 -20.79 9.47
C GLN D 484 -9.97 -19.30 9.47
N TYR D 485 -10.93 -18.49 9.04
CA TYR D 485 -10.76 -17.04 8.96
C TYR D 485 -11.03 -16.42 10.32
N LEU D 486 -10.10 -15.60 10.78
CA LEU D 486 -10.21 -14.93 12.07
C LEU D 486 -10.45 -13.43 11.94
N ARG D 487 -9.61 -12.72 11.21
CA ARG D 487 -9.70 -11.26 11.16
C ARG D 487 -9.46 -10.74 9.76
N ASN D 488 -10.09 -9.61 9.45
CA ASN D 488 -9.95 -8.92 8.18
C ASN D 488 -8.71 -8.05 8.16
N ASN D 489 -8.29 -7.67 6.95
CA ASN D 489 -7.16 -6.76 6.78
C ASN D 489 -7.44 -5.44 7.49
N GLY D 490 -6.45 -4.96 8.23
CA GLY D 490 -6.57 -3.70 8.94
C GLY D 490 -5.61 -2.63 8.44
N GLY D 491 -5.15 -2.77 7.20
CA GLY D 491 -4.26 -1.81 6.60
C GLY D 491 -2.81 -2.03 6.97
N LEU D 492 -2.44 -1.65 8.19
CA LEU D 492 -1.07 -1.82 8.70
C LEU D 492 -1.05 -3.06 9.60
N GLN D 493 -0.18 -4.01 9.27
CA GLN D 493 -0.15 -5.31 9.93
C GLN D 493 1.26 -5.60 10.41
N ILE D 494 1.39 -6.11 11.63
CA ILE D 494 2.65 -6.67 12.09
C ILE D 494 2.82 -8.05 11.47
N TYR D 495 4.01 -8.32 10.94
CA TYR D 495 4.29 -9.63 10.35
C TYR D 495 5.62 -10.18 10.81
MG MG E . -22.09 -3.27 -17.47
N1 LDA F . -7.90 -1.72 22.47
O1 LDA F . -7.97 -0.47 22.43
CM1 LDA F . -9.26 -2.27 22.45
CM2 LDA F . -7.24 -2.15 23.71
C1 LDA F . -7.19 -2.20 21.29
C2 LDA F . -5.72 -1.89 21.48
C3 LDA F . -4.89 -2.49 20.35
C4 LDA F . -4.09 -1.43 19.61
C5 LDA F . -3.25 -2.07 18.51
C6 LDA F . -2.11 -1.16 18.08
C7 LDA F . -0.92 -1.95 17.58
C8 LDA F . 0.38 -1.21 17.87
C9 LDA F . 1.44 -1.50 16.83
C10 LDA F . 1.69 -0.27 15.97
C11 LDA F . 3.01 -0.37 15.22
C12 LDA F . 3.17 0.82 14.27
MG MG G . 15.91 9.69 7.17
#